data_8ED1
#
_entry.id   8ED1
#
_cell.length_a   98.901
_cell.length_b   197.413
_cell.length_c   70.021
_cell.angle_alpha   90.000
_cell.angle_beta   90.000
_cell.angle_gamma   90.000
#
_symmetry.space_group_name_H-M   'C 2 2 21'
#
loop_
_entity.id
_entity.type
_entity.pdbx_description
1 polymer '5C1 Fab light chain'
2 polymer '5C1 Fab heavy chain'
3 non-polymer GLYCEROL
4 non-polymer 'PHOSPHATE ION'
5 water water
#
loop_
_entity_poly.entity_id
_entity_poly.type
_entity_poly.pdbx_seq_one_letter_code
_entity_poly.pdbx_strand_id
1 'polypeptide(L)'
;QAVLNQPSSVSGSLGQRVSITCSGSSSNVGNGYVSWYQLIPGSAPRTLIYGDTSRASGVPDRFSGSRSGNTATLTISSLQ
AEDEADYFCASAEDSSSNAVFGSGTTLTVLGQPKAAPSVTLFPPSSEELQANKATLVCLISDFYPGAVTVAWKADSSPVK
AGVETTTPSKQSNNKYAASSYLSLTPEQWKSHRSYSCQVTHEGSTVEKTVAPTECS
;
L
2 'polypeptide(L)'
;QVQLRESGPSLVKPSQTLSLTCTASGFSLSDKPVGWVRQAPGKPLEWLGSIDTAENTGYNPGLKSRLSITKDNSKSQVSL
SLSSVTTEDSATYYCATVHQKTRKEKSCPDGYLYSSNTGRGYDCGVWTCRRVGGEFCSATGDWTSPSEEDFYEFYVDTWG
QGLLVTVSSASTKGPSVFPLAPSSKSTSGGTAALGCLVKDYFPEPVTVSWNSGALTSGVHTFPAVLQSSGLYSLSSVVTV
PSSSLGTQTYICNVNHKPSNTKVDKKVEPKSC
;
H
#
# COMPACT_ATOMS: atom_id res chain seq x y z
N VAL A 3 19.54 -2.36 -0.86
CA VAL A 3 18.28 -2.65 -0.18
C VAL A 3 18.57 -3.27 1.18
N LEU A 4 17.95 -2.71 2.22
CA LEU A 4 18.15 -3.19 3.58
C LEU A 4 17.32 -4.45 3.80
N ASN A 5 17.99 -5.54 4.18
CA ASN A 5 17.32 -6.82 4.33
C ASN A 5 16.37 -6.80 5.53
N GLN A 6 15.10 -7.08 5.27
CA GLN A 6 14.08 -7.26 6.28
C GLN A 6 13.46 -8.64 6.12
N PRO A 7 12.88 -9.20 7.18
CA PRO A 7 12.12 -10.44 7.03
C PRO A 7 10.93 -10.22 6.11
N SER A 8 10.66 -11.21 5.25
CA SER A 8 9.62 -11.04 4.25
C SER A 8 8.25 -10.92 4.89
N SER A 9 7.98 -11.71 5.92
CA SER A 9 6.68 -11.68 6.59
C SER A 9 6.83 -12.25 7.98
N VAL A 10 6.30 -11.53 8.98
CA VAL A 10 6.33 -11.97 10.37
C VAL A 10 4.90 -11.98 10.88
N SER A 11 4.71 -12.65 12.02
CA SER A 11 3.39 -12.80 12.62
C SER A 11 3.48 -12.66 14.13
N GLY A 12 2.42 -12.09 14.72
CA GLY A 12 2.34 -11.94 16.15
C GLY A 12 0.90 -12.13 16.61
N SER A 13 0.75 -12.15 17.94
CA SER A 13 -0.55 -12.35 18.56
C SER A 13 -1.06 -11.06 19.16
N LEU A 14 -2.38 -10.95 19.27
CA LEU A 14 -3.00 -9.77 19.85
C LEU A 14 -2.57 -9.57 21.29
N GLY A 15 -2.29 -8.32 21.65
CA GLY A 15 -1.81 -7.98 22.97
C GLY A 15 -0.36 -8.32 23.23
N GLN A 16 0.30 -9.04 22.33
CA GLN A 16 1.66 -9.50 22.54
C GLN A 16 2.64 -8.45 22.00
N ARG A 17 3.91 -8.85 21.88
CA ARG A 17 4.96 -7.97 21.40
C ARG A 17 5.66 -8.63 20.21
N VAL A 18 5.90 -7.83 19.16
CA VAL A 18 6.55 -8.34 17.96
C VAL A 18 7.69 -7.41 17.57
N SER A 19 8.66 -7.96 16.85
CA SER A 19 9.83 -7.20 16.43
C SER A 19 10.14 -7.48 14.96
N ILE A 20 10.62 -6.45 14.28
CA ILE A 20 10.99 -6.53 12.87
C ILE A 20 12.40 -5.98 12.72
N THR A 21 13.28 -6.76 12.09
CA THR A 21 14.68 -6.39 11.95
C THR A 21 14.94 -5.70 10.61
N CYS A 22 16.02 -4.94 10.57
CA CYS A 22 16.41 -4.17 9.38
C CYS A 22 17.93 -4.16 9.34
N SER A 23 18.51 -5.01 8.50
CA SER A 23 19.95 -5.20 8.44
C SER A 23 20.52 -4.51 7.21
N GLY A 24 21.60 -3.75 7.41
CA GLY A 24 22.28 -3.09 6.31
C GLY A 24 23.78 -3.09 6.47
N SER A 25 24.41 -1.94 6.23
CA SER A 25 25.87 -1.86 6.31
C SER A 25 26.33 -0.68 7.15
N SER A 26 27.65 -0.43 7.16
CA SER A 26 28.18 0.68 7.94
C SER A 26 27.91 2.04 7.29
N SER A 27 27.58 2.06 5.99
CA SER A 27 27.38 3.32 5.28
C SER A 27 25.96 3.83 5.35
N ASN A 28 25.00 3.03 5.82
CA ASN A 28 23.63 3.48 5.95
C ASN A 28 23.12 3.33 7.37
N VAL A 29 22.65 2.13 7.73
CA VAL A 29 22.16 1.88 9.08
C VAL A 29 23.27 2.07 10.10
N GLY A 30 24.51 1.81 9.71
CA GLY A 30 25.63 2.06 10.60
C GLY A 30 25.85 3.52 10.89
N ASN A 31 25.48 4.40 9.95
CA ASN A 31 25.63 5.84 10.16
C ASN A 31 24.75 6.34 11.30
N GLY A 32 23.69 5.61 11.64
CA GLY A 32 22.93 5.91 12.84
C GLY A 32 21.78 6.87 12.67
N TYR A 33 20.94 6.64 11.67
CA TYR A 33 19.72 7.43 11.50
C TYR A 33 18.69 6.63 10.71
N VAL A 34 18.03 5.68 11.38
CA VAL A 34 17.09 4.77 10.74
C VAL A 34 15.67 5.30 10.94
N SER A 35 14.84 5.13 9.91
CA SER A 35 13.44 5.51 9.95
C SER A 35 12.57 4.29 9.67
N TRP A 36 11.34 4.33 10.18
CA TRP A 36 10.37 3.27 10.03
C TRP A 36 9.02 3.85 9.61
N TYR A 37 8.39 3.17 8.64
CA TYR A 37 7.14 3.63 8.04
C TYR A 37 6.15 2.47 7.98
N GLN A 38 4.89 2.77 8.27
CA GLN A 38 3.80 1.80 8.20
C GLN A 38 2.95 2.06 6.97
N LEU A 39 2.71 1.02 6.18
CA LEU A 39 1.92 1.10 4.96
C LEU A 39 0.73 0.16 5.09
N ILE A 40 -0.45 0.74 5.25
CA ILE A 40 -1.70 -0.02 5.35
C ILE A 40 -2.34 -0.05 3.96
N PRO A 41 -2.78 -1.21 3.46
CA PRO A 41 -3.37 -1.27 2.11
C PRO A 41 -4.53 -0.29 1.93
N GLY A 42 -4.34 0.69 1.05
CA GLY A 42 -5.35 1.70 0.80
C GLY A 42 -4.94 3.08 1.25
N SER A 43 -4.45 3.19 2.49
CA SER A 43 -4.06 4.47 3.04
C SER A 43 -2.68 4.88 2.52
N ALA A 44 -2.30 6.12 2.83
CA ALA A 44 -0.99 6.64 2.49
C ALA A 44 0.06 6.13 3.47
N PRO A 45 1.33 6.09 3.07
CA PRO A 45 2.38 5.67 4.00
C PRO A 45 2.44 6.60 5.21
N ARG A 46 2.71 6.01 6.37
CA ARG A 46 2.75 6.72 7.63
C ARG A 46 4.13 6.60 8.25
N THR A 47 4.76 7.73 8.55
CA THR A 47 6.06 7.70 9.21
C THR A 47 5.87 7.34 10.68
N LEU A 48 6.56 6.28 11.11
CA LEU A 48 6.48 5.80 12.49
C LEU A 48 7.64 6.25 13.34
N ILE A 49 8.87 6.05 12.86
CA ILE A 49 10.06 6.32 13.65
C ILE A 49 11.08 7.08 12.78
N TYR A 50 11.77 8.04 13.39
CA TYR A 50 12.90 8.70 12.76
C TYR A 50 14.04 8.77 13.76
N GLY A 51 15.25 8.90 13.25
CA GLY A 51 16.43 8.99 14.10
C GLY A 51 16.56 7.80 15.03
N ASP A 52 16.40 6.59 14.49
CA ASP A 52 16.56 5.32 15.20
C ASP A 52 15.49 5.10 16.27
N THR A 53 15.28 6.09 17.14
CA THR A 53 14.43 5.90 18.31
C THR A 53 13.31 6.91 18.47
N SER A 54 13.34 8.03 17.75
CA SER A 54 12.36 9.09 17.99
C SER A 54 10.98 8.69 17.48
N ARG A 55 9.99 8.81 18.36
CA ARG A 55 8.60 8.55 17.97
C ARG A 55 8.08 9.69 17.12
N ALA A 56 7.40 9.34 16.02
CA ALA A 56 6.85 10.36 15.15
C ALA A 56 5.61 10.99 15.79
N SER A 57 5.24 12.17 15.30
CA SER A 57 4.12 12.92 15.86
C SER A 57 2.82 12.14 15.67
N GLY A 58 2.09 11.96 16.78
CA GLY A 58 0.84 11.24 16.76
C GLY A 58 0.96 9.73 16.87
N VAL A 59 2.16 9.19 16.79
CA VAL A 59 2.35 7.74 16.89
C VAL A 59 2.19 7.32 18.35
N PRO A 60 1.44 6.26 18.64
CA PRO A 60 1.32 5.81 20.04
C PRO A 60 2.64 5.28 20.58
N ASP A 61 2.70 5.20 21.91
CA ASP A 61 3.91 4.75 22.59
C ASP A 61 4.18 3.26 22.38
N ARG A 62 3.22 2.51 21.82
CA ARG A 62 3.42 1.08 21.61
C ARG A 62 4.54 0.81 20.62
N PHE A 63 4.80 1.73 19.71
CA PHE A 63 5.86 1.58 18.72
C PHE A 63 7.19 2.06 19.31
N SER A 64 8.23 1.25 19.15
CA SER A 64 9.56 1.59 19.65
C SER A 64 10.59 1.28 18.58
N GLY A 65 11.65 2.08 18.55
CA GLY A 65 12.74 1.88 17.60
C GLY A 65 14.06 1.76 18.32
N SER A 66 14.89 0.83 17.87
CA SER A 66 16.22 0.66 18.43
C SER A 66 17.21 0.34 17.32
N ARG A 67 18.50 0.44 17.64
CA ARG A 67 19.55 0.12 16.68
C ARG A 67 20.75 -0.45 17.42
N SER A 68 21.28 -1.56 16.90
CA SER A 68 22.52 -2.17 17.37
C SER A 68 23.41 -2.37 16.16
N GLY A 69 24.49 -1.60 16.10
CA GLY A 69 25.43 -1.72 14.99
C GLY A 69 24.76 -1.44 13.65
N ASN A 70 24.80 -2.44 12.77
CA ASN A 70 24.21 -2.36 11.44
C ASN A 70 22.82 -3.00 11.39
N THR A 71 22.11 -3.07 12.51
CA THR A 71 20.80 -3.70 12.55
C THR A 71 19.85 -2.86 13.38
N ALA A 72 18.83 -2.31 12.74
CA ALA A 72 17.76 -1.61 13.43
C ALA A 72 16.61 -2.56 13.70
N THR A 73 15.74 -2.16 14.63
CA THR A 73 14.64 -3.00 15.07
C THR A 73 13.44 -2.13 15.41
N LEU A 74 12.28 -2.50 14.85
CA LEU A 74 11.00 -1.90 15.23
C LEU A 74 10.24 -2.89 16.10
N THR A 75 9.86 -2.45 17.30
CA THR A 75 9.17 -3.31 18.27
C THR A 75 7.79 -2.73 18.53
N ILE A 76 6.76 -3.53 18.25
CA ILE A 76 5.38 -3.14 18.51
C ILE A 76 4.89 -3.94 19.71
N SER A 77 4.57 -3.24 20.79
CA SER A 77 4.02 -3.83 21.99
C SER A 77 2.50 -3.64 22.01
N SER A 78 1.82 -4.53 22.75
CA SER A 78 0.36 -4.57 22.80
C SER A 78 -0.22 -4.58 21.39
N LEU A 79 0.12 -5.64 20.66
CA LEU A 79 -0.23 -5.74 19.24
C LEU A 79 -1.74 -5.66 19.04
N GLN A 80 -2.17 -4.65 18.29
CA GLN A 80 -3.57 -4.43 17.99
C GLN A 80 -3.90 -4.93 16.59
N ALA A 81 -5.20 -5.06 16.33
CA ALA A 81 -5.63 -5.60 15.04
C ALA A 81 -5.37 -4.62 13.89
N GLU A 82 -5.37 -3.31 14.17
CA GLU A 82 -5.12 -2.32 13.14
C GLU A 82 -3.63 -2.21 12.79
N ASP A 83 -2.78 -3.05 13.35
CA ASP A 83 -1.36 -3.04 13.05
C ASP A 83 -0.98 -3.92 11.86
N GLU A 84 -1.93 -4.71 11.35
CA GLU A 84 -1.70 -5.50 10.15
C GLU A 84 -1.39 -4.60 8.96
N ALA A 85 -0.13 -4.58 8.53
CA ALA A 85 0.31 -3.69 7.46
C ALA A 85 1.70 -4.14 7.03
N ASP A 86 2.22 -3.49 6.00
CA ASP A 86 3.63 -3.63 5.67
C ASP A 86 4.43 -2.58 6.42
N TYR A 87 5.67 -2.92 6.73
CA TYR A 87 6.55 -2.05 7.49
C TYR A 87 7.87 -1.96 6.77
N PHE A 88 8.34 -0.73 6.55
CA PHE A 88 9.58 -0.47 5.83
C PHE A 88 10.53 0.33 6.70
N CYS A 89 11.82 0.03 6.58
CA CYS A 89 12.87 0.83 7.18
C CYS A 89 13.60 1.59 6.09
N ALA A 90 14.25 2.67 6.49
CA ALA A 90 14.95 3.54 5.56
C ALA A 90 16.14 4.17 6.26
N SER A 91 17.13 4.55 5.46
CA SER A 91 18.31 5.23 5.99
C SER A 91 19.00 5.99 4.87
N ALA A 92 19.60 7.12 5.22
CA ALA A 92 20.46 7.82 4.28
C ALA A 92 21.74 7.02 4.07
N GLU A 93 22.46 7.36 2.99
CA GLU A 93 23.69 6.65 2.68
C GLU A 93 24.60 7.59 1.91
N ASP A 94 25.65 8.07 2.57
CA ASP A 94 26.69 8.93 1.98
C ASP A 94 26.14 10.27 1.50
N SER A 95 24.88 10.57 1.84
CA SER A 95 24.21 11.81 1.47
C SER A 95 22.86 11.85 2.17
N SER A 96 22.45 13.06 2.58
CA SER A 96 21.12 13.24 3.15
C SER A 96 20.01 13.19 2.12
N SER A 97 20.35 13.16 0.82
CA SER A 97 19.37 13.07 -0.25
C SER A 97 19.41 11.74 -0.98
N ASN A 98 20.19 10.78 -0.49
CA ASN A 98 20.28 9.44 -1.08
C ASN A 98 19.70 8.47 -0.05
N ALA A 99 18.40 8.23 -0.16
CA ALA A 99 17.69 7.35 0.76
C ALA A 99 17.67 5.92 0.23
N VAL A 100 17.84 4.96 1.13
CA VAL A 100 17.76 3.55 0.81
C VAL A 100 16.72 2.92 1.74
N PHE A 101 15.74 2.25 1.16
CA PHE A 101 14.67 1.62 1.90
C PHE A 101 14.94 0.12 2.08
N GLY A 102 14.16 -0.49 2.96
CA GLY A 102 14.25 -1.93 3.17
C GLY A 102 13.32 -2.71 2.25
N SER A 103 13.50 -4.03 2.27
CA SER A 103 12.69 -4.91 1.44
C SER A 103 11.25 -5.04 1.93
N GLY A 104 10.96 -4.58 3.14
CA GLY A 104 9.59 -4.57 3.64
C GLY A 104 9.23 -5.86 4.35
N THR A 105 8.37 -5.73 5.37
CA THR A 105 7.92 -6.86 6.17
C THR A 105 6.41 -6.77 6.32
N THR A 106 5.70 -7.83 5.92
CA THR A 106 4.26 -7.91 6.12
C THR A 106 3.98 -8.47 7.51
N LEU A 107 3.20 -7.75 8.30
CA LEU A 107 2.87 -8.17 9.66
C LEU A 107 1.47 -8.76 9.69
N THR A 108 1.35 -9.97 10.22
CA THR A 108 0.08 -10.65 10.36
C THR A 108 -0.28 -10.73 11.83
N VAL A 109 -1.47 -10.25 12.19
CA VAL A 109 -1.95 -10.25 13.56
C VAL A 109 -2.84 -11.47 13.77
N LEU A 110 -2.51 -12.28 14.77
CA LEU A 110 -3.22 -13.50 15.08
C LEU A 110 -4.07 -13.31 16.33
N GLY A 111 -4.96 -14.27 16.56
CA GLY A 111 -5.83 -14.26 17.72
C GLY A 111 -7.25 -13.78 17.46
N GLN A 112 -7.50 -13.21 16.28
CA GLN A 112 -8.84 -12.74 15.96
C GLN A 112 -9.80 -13.92 15.83
N PRO A 113 -11.10 -13.68 16.02
CA PRO A 113 -12.06 -14.79 15.93
C PRO A 113 -12.12 -15.39 14.54
N LYS A 114 -12.32 -16.69 14.49
CA LYS A 114 -12.55 -17.37 13.22
C LYS A 114 -13.97 -17.11 12.74
N ALA A 115 -14.16 -17.25 11.43
CA ALA A 115 -15.47 -17.00 10.82
C ALA A 115 -15.56 -17.77 9.52
N ALA A 116 -16.68 -18.48 9.34
CA ALA A 116 -16.95 -19.14 8.07
C ALA A 116 -17.40 -18.13 7.03
N PRO A 117 -17.07 -18.34 5.76
CA PRO A 117 -17.37 -17.34 4.74
C PRO A 117 -18.84 -17.35 4.34
N SER A 118 -19.38 -16.14 4.14
CA SER A 118 -20.69 -15.96 3.53
C SER A 118 -20.48 -15.79 2.03
N VAL A 119 -21.07 -16.68 1.26
CA VAL A 119 -20.84 -16.77 -0.19
C VAL A 119 -22.12 -16.37 -0.91
N THR A 120 -21.98 -15.48 -1.89
CA THR A 120 -23.11 -15.04 -2.71
C THR A 120 -22.73 -15.21 -4.17
N LEU A 121 -23.55 -15.96 -4.92
CA LEU A 121 -23.28 -16.27 -6.32
C LEU A 121 -24.33 -15.57 -7.18
N PHE A 122 -23.90 -14.52 -7.89
CA PHE A 122 -24.71 -13.78 -8.86
C PHE A 122 -24.57 -14.40 -10.24
N PRO A 123 -25.68 -14.78 -10.85
CA PRO A 123 -25.66 -15.25 -12.23
C PRO A 123 -25.54 -14.06 -13.19
N PRO A 124 -25.30 -14.31 -14.47
CA PRO A 124 -25.17 -13.18 -15.41
C PRO A 124 -26.44 -12.33 -15.44
N SER A 125 -26.26 -11.02 -15.31
CA SER A 125 -27.38 -10.10 -15.37
C SER A 125 -28.00 -10.11 -16.76
N SER A 126 -29.27 -9.69 -16.82
CA SER A 126 -29.97 -9.66 -18.09
C SER A 126 -29.33 -8.67 -19.04
N GLU A 127 -28.86 -7.53 -18.54
CA GLU A 127 -28.21 -6.54 -19.37
C GLU A 127 -26.94 -7.10 -20.00
N GLU A 128 -26.10 -7.76 -19.19
CA GLU A 128 -24.86 -8.31 -19.72
C GLU A 128 -25.12 -9.38 -20.77
N LEU A 129 -26.12 -10.23 -20.53
CA LEU A 129 -26.49 -11.22 -21.54
C LEU A 129 -26.99 -10.54 -22.81
N GLN A 130 -27.71 -9.43 -22.67
CA GLN A 130 -28.11 -8.67 -23.85
C GLN A 130 -26.93 -8.03 -24.55
N ALA A 131 -25.79 -7.89 -23.87
CA ALA A 131 -24.56 -7.42 -24.51
C ALA A 131 -23.67 -8.57 -24.97
N ASN A 132 -24.24 -9.77 -25.14
CA ASN A 132 -23.53 -10.95 -25.66
C ASN A 132 -22.38 -11.38 -24.76
N LYS A 133 -22.51 -11.13 -23.45
CA LYS A 133 -21.48 -11.51 -22.48
C LYS A 133 -22.15 -12.20 -21.30
N ALA A 134 -21.40 -13.09 -20.64
CA ALA A 134 -21.88 -13.72 -19.42
C ALA A 134 -20.75 -13.75 -18.40
N THR A 135 -21.03 -13.31 -17.18
CA THR A 135 -20.06 -13.36 -16.09
C THR A 135 -20.75 -13.82 -14.82
N LEU A 136 -20.34 -14.96 -14.30
CA LEU A 136 -20.79 -15.46 -13.01
C LEU A 136 -19.88 -14.86 -11.94
N VAL A 137 -20.48 -14.17 -10.96
CA VAL A 137 -19.73 -13.50 -9.90
C VAL A 137 -19.96 -14.25 -8.60
N CYS A 138 -18.88 -14.51 -7.86
CA CYS A 138 -18.96 -15.24 -6.60
C CYS A 138 -18.21 -14.40 -5.57
N LEU A 139 -18.96 -13.74 -4.69
CA LEU A 139 -18.40 -12.89 -3.65
C LEU A 139 -18.36 -13.65 -2.33
N ILE A 140 -17.24 -13.50 -1.62
CA ILE A 140 -16.95 -14.27 -0.41
C ILE A 140 -16.60 -13.25 0.67
N SER A 141 -17.48 -13.07 1.65
CA SER A 141 -17.29 -12.04 2.65
C SER A 141 -17.30 -12.64 4.05
N ASP A 142 -16.72 -11.89 4.99
CA ASP A 142 -16.77 -12.18 6.41
C ASP A 142 -16.21 -13.58 6.72
N PHE A 143 -14.89 -13.72 6.55
CA PHE A 143 -14.24 -14.95 6.94
C PHE A 143 -12.85 -14.67 7.50
N TYR A 144 -12.41 -15.57 8.39
CA TYR A 144 -11.10 -15.52 9.01
C TYR A 144 -10.72 -16.94 9.41
N PRO A 145 -9.48 -17.40 9.16
CA PRO A 145 -8.36 -16.70 8.52
C PRO A 145 -8.58 -16.38 7.04
N GLY A 146 -7.69 -15.59 6.46
CA GLY A 146 -7.85 -15.13 5.10
C GLY A 146 -7.21 -16.03 4.05
N ALA A 147 -7.61 -17.30 4.05
CA ALA A 147 -7.11 -18.27 3.07
C ALA A 147 -8.26 -19.17 2.67
N VAL A 148 -8.78 -18.96 1.45
CA VAL A 148 -9.86 -19.77 0.90
C VAL A 148 -9.41 -20.32 -0.45
N THR A 149 -10.13 -21.34 -0.92
CA THR A 149 -9.89 -21.88 -2.26
C THR A 149 -11.22 -22.02 -2.98
N VAL A 150 -11.30 -21.50 -4.21
CA VAL A 150 -12.53 -21.48 -4.98
C VAL A 150 -12.43 -22.49 -6.12
N ALA A 151 -13.52 -23.21 -6.35
CA ALA A 151 -13.67 -24.11 -7.49
C ALA A 151 -15.01 -23.84 -8.16
N TRP A 152 -15.10 -24.17 -9.44
CA TRP A 152 -16.31 -23.93 -10.22
C TRP A 152 -16.81 -25.21 -10.86
N LYS A 153 -18.12 -25.38 -10.85
CA LYS A 153 -18.77 -26.57 -11.40
C LYS A 153 -19.74 -26.18 -12.50
N ALA A 154 -19.56 -26.78 -13.67
CA ALA A 154 -20.55 -26.74 -14.74
C ALA A 154 -21.41 -27.99 -14.61
N ASP A 155 -22.71 -27.80 -14.35
CA ASP A 155 -23.58 -28.88 -13.89
C ASP A 155 -23.00 -29.50 -12.63
N SER A 156 -22.34 -30.64 -12.76
CA SER A 156 -21.62 -31.26 -11.66
C SER A 156 -20.17 -31.55 -12.00
N SER A 157 -19.74 -31.29 -13.24
CA SER A 157 -18.36 -31.47 -13.64
C SER A 157 -17.53 -30.26 -13.23
N PRO A 158 -16.22 -30.44 -13.04
CA PRO A 158 -15.36 -29.29 -12.71
C PRO A 158 -14.98 -28.49 -13.95
N VAL A 159 -15.01 -27.17 -13.82
CA VAL A 159 -14.61 -26.27 -14.91
C VAL A 159 -13.50 -25.37 -14.39
N LYS A 160 -12.46 -25.19 -15.20
CA LYS A 160 -11.30 -24.40 -14.84
C LYS A 160 -11.01 -23.25 -15.79
N ALA A 161 -11.44 -23.34 -17.04
CA ALA A 161 -11.17 -22.27 -17.99
C ALA A 161 -12.07 -21.07 -17.72
N GLY A 162 -11.52 -19.87 -17.93
CA GLY A 162 -12.27 -18.65 -17.75
C GLY A 162 -12.48 -18.22 -16.31
N VAL A 163 -11.69 -18.77 -15.38
CA VAL A 163 -11.83 -18.45 -13.96
C VAL A 163 -10.77 -17.43 -13.58
N GLU A 164 -11.18 -16.43 -12.79
CA GLU A 164 -10.26 -15.41 -12.29
C GLU A 164 -10.64 -15.11 -10.84
N THR A 165 -9.70 -15.32 -9.92
CA THR A 165 -9.99 -15.16 -8.49
C THR A 165 -9.03 -14.14 -7.88
N THR A 166 -9.58 -13.24 -7.07
CA THR A 166 -8.77 -12.26 -6.36
C THR A 166 -8.10 -12.89 -5.15
N THR A 167 -7.05 -12.22 -4.67
CA THR A 167 -6.42 -12.57 -3.41
C THR A 167 -7.21 -11.96 -2.25
N PRO A 168 -7.43 -12.73 -1.18
CA PRO A 168 -8.19 -12.20 -0.04
C PRO A 168 -7.60 -10.88 0.48
N SER A 169 -8.50 -9.94 0.76
CA SER A 169 -8.12 -8.64 1.29
C SER A 169 -9.10 -8.27 2.40
N LYS A 170 -8.61 -7.52 3.38
CA LYS A 170 -9.38 -7.26 4.59
C LYS A 170 -10.41 -6.17 4.36
N GLN A 171 -11.56 -6.32 5.01
CA GLN A 171 -12.65 -5.38 4.91
C GLN A 171 -12.53 -4.33 6.01
N SER A 172 -13.55 -3.48 6.15
CA SER A 172 -13.55 -2.49 7.22
C SER A 172 -13.81 -3.13 8.58
N ASN A 173 -14.47 -4.28 8.60
CA ASN A 173 -14.75 -5.00 9.85
C ASN A 173 -13.59 -5.90 10.28
N ASN A 174 -12.46 -5.83 9.59
CA ASN A 174 -11.21 -6.56 9.83
C ASN A 174 -11.31 -8.03 9.43
N LYS A 175 -12.41 -8.49 8.85
CA LYS A 175 -12.44 -9.83 8.28
C LYS A 175 -12.03 -9.78 6.81
N TYR A 176 -11.66 -10.93 6.28
CA TYR A 176 -11.17 -11.02 4.92
C TYR A 176 -12.31 -11.20 3.91
N ALA A 177 -12.05 -10.82 2.67
CA ALA A 177 -13.01 -10.97 1.59
C ALA A 177 -12.28 -11.33 0.31
N ALA A 178 -12.97 -12.03 -0.58
CA ALA A 178 -12.40 -12.44 -1.86
C ALA A 178 -13.51 -12.52 -2.89
N SER A 179 -13.12 -12.62 -4.16
CA SER A 179 -14.09 -12.70 -5.25
C SER A 179 -13.55 -13.62 -6.34
N SER A 180 -14.48 -14.27 -7.04
CA SER A 180 -14.16 -15.15 -8.14
C SER A 180 -15.10 -14.87 -9.29
N TYR A 181 -14.60 -15.00 -10.52
CA TYR A 181 -15.37 -14.74 -11.72
C TYR A 181 -15.23 -15.91 -12.68
N LEU A 182 -16.34 -16.34 -13.25
CA LEU A 182 -16.36 -17.32 -14.32
C LEU A 182 -16.92 -16.65 -15.57
N SER A 183 -16.09 -16.48 -16.59
CA SER A 183 -16.47 -15.79 -17.81
C SER A 183 -17.00 -16.81 -18.83
N LEU A 184 -18.28 -16.68 -19.18
CA LEU A 184 -18.94 -17.61 -20.09
C LEU A 184 -19.62 -16.84 -21.21
N THR A 185 -19.65 -17.45 -22.38
CA THR A 185 -20.50 -16.99 -23.44
C THR A 185 -21.95 -17.33 -23.11
N PRO A 186 -22.91 -16.54 -23.60
CA PRO A 186 -24.32 -16.86 -23.33
C PRO A 186 -24.72 -18.27 -23.73
N GLU A 187 -24.13 -18.81 -24.80
CA GLU A 187 -24.44 -20.17 -25.21
C GLU A 187 -24.00 -21.19 -24.16
N GLN A 188 -22.78 -21.02 -23.64
CA GLN A 188 -22.32 -21.91 -22.56
C GLN A 188 -23.21 -21.76 -21.33
N TRP A 189 -23.64 -20.54 -21.02
CA TRP A 189 -24.52 -20.33 -19.88
C TRP A 189 -25.89 -20.99 -20.08
N LYS A 190 -26.35 -21.10 -21.32
CA LYS A 190 -27.64 -21.71 -21.58
C LYS A 190 -27.57 -23.22 -21.72
N SER A 191 -26.45 -23.77 -22.17
CA SER A 191 -26.37 -25.19 -22.47
C SER A 191 -26.45 -26.03 -21.19
N HIS A 192 -25.51 -25.84 -20.27
CA HIS A 192 -25.51 -26.59 -19.02
C HIS A 192 -26.73 -26.23 -18.19
N ARG A 193 -27.10 -27.14 -17.28
CA ARG A 193 -28.29 -26.95 -16.47
C ARG A 193 -28.05 -26.12 -15.22
N SER A 194 -26.82 -26.08 -14.71
CA SER A 194 -26.54 -25.30 -13.50
C SER A 194 -25.05 -25.00 -13.44
N TYR A 195 -24.72 -24.00 -12.62
CA TYR A 195 -23.34 -23.65 -12.33
C TYR A 195 -23.18 -23.42 -10.83
N SER A 196 -22.00 -23.74 -10.31
CA SER A 196 -21.78 -23.75 -8.88
C SER A 196 -20.42 -23.16 -8.52
N CYS A 197 -20.40 -22.43 -7.40
CA CYS A 197 -19.19 -21.87 -6.81
C CYS A 197 -18.95 -22.57 -5.48
N GLN A 198 -17.80 -23.23 -5.33
CA GLN A 198 -17.43 -23.95 -4.12
C GLN A 198 -16.29 -23.20 -3.43
N VAL A 199 -16.52 -22.75 -2.20
CA VAL A 199 -15.53 -22.04 -1.42
C VAL A 199 -15.11 -22.93 -0.26
N THR A 200 -13.82 -23.26 -0.21
CA THR A 200 -13.26 -24.09 0.85
C THR A 200 -12.50 -23.19 1.81
N HIS A 201 -12.84 -23.32 3.09
CA HIS A 201 -12.28 -22.52 4.18
C HIS A 201 -12.15 -23.46 5.38
N GLU A 202 -10.92 -23.71 5.82
CA GLU A 202 -10.64 -24.53 6.99
C GLU A 202 -11.37 -25.87 6.94
N GLY A 203 -11.27 -26.55 5.81
CA GLY A 203 -11.89 -27.86 5.65
C GLY A 203 -13.34 -27.83 5.26
N SER A 204 -14.06 -26.75 5.60
CA SER A 204 -15.46 -26.65 5.26
C SER A 204 -15.62 -26.15 3.82
N THR A 205 -16.66 -26.65 3.15
CA THR A 205 -16.90 -26.32 1.75
C THR A 205 -18.33 -25.82 1.59
N VAL A 206 -18.48 -24.53 1.34
CA VAL A 206 -19.78 -23.92 1.10
C VAL A 206 -19.96 -23.78 -0.41
N GLU A 207 -21.03 -24.36 -0.94
CA GLU A 207 -21.30 -24.35 -2.37
C GLU A 207 -22.60 -23.61 -2.64
N LYS A 208 -22.54 -22.59 -3.49
CA LYS A 208 -23.72 -21.90 -3.99
C LYS A 208 -23.94 -22.27 -5.45
N THR A 209 -25.21 -22.25 -5.87
CA THR A 209 -25.57 -22.75 -7.19
C THR A 209 -26.61 -21.84 -7.83
N VAL A 210 -26.42 -21.54 -9.12
CA VAL A 210 -27.39 -20.78 -9.89
C VAL A 210 -27.73 -21.57 -11.15
N ALA A 211 -28.95 -21.38 -11.64
CA ALA A 211 -29.43 -22.10 -12.81
C ALA A 211 -29.92 -21.12 -13.88
N PRO A 212 -29.61 -21.37 -15.15
CA PRO A 212 -30.16 -20.53 -16.22
C PRO A 212 -31.66 -20.68 -16.40
N THR A 213 -32.25 -21.75 -15.89
CA THR A 213 -33.70 -21.94 -16.00
C THR A 213 -34.46 -20.92 -15.16
N GLU A 214 -33.87 -20.46 -14.07
CA GLU A 214 -34.49 -19.46 -13.22
C GLU A 214 -34.16 -18.06 -13.75
N CYS A 215 -34.66 -17.05 -13.05
CA CYS A 215 -34.39 -15.67 -13.44
C CYS A 215 -33.66 -14.93 -12.31
N GLN B 1 -2.78 22.76 8.10
CA GLN B 1 -2.32 21.37 8.06
C GLN B 1 -1.53 21.11 6.78
N VAL B 2 -0.49 20.29 6.89
CA VAL B 2 0.40 20.02 5.76
C VAL B 2 -0.21 18.92 4.90
N GLN B 3 -0.45 19.23 3.62
CA GLN B 3 -0.93 18.26 2.66
C GLN B 3 -0.13 18.38 1.37
N LEU B 4 -0.03 17.26 0.66
CA LEU B 4 0.63 17.21 -0.64
C LEU B 4 -0.22 16.39 -1.58
N ARG B 5 -0.57 16.95 -2.72
CA ARG B 5 -1.44 16.28 -3.68
C ARG B 5 -0.70 16.07 -4.99
N GLU B 6 -0.69 14.83 -5.48
CA GLU B 6 -0.04 14.50 -6.73
C GLU B 6 -1.03 14.61 -7.89
N SER B 7 -0.53 15.05 -9.04
CA SER B 7 -1.35 15.20 -10.23
C SER B 7 -0.51 14.85 -11.45
N GLY B 8 -1.17 14.27 -12.44
CA GLY B 8 -0.53 13.85 -13.66
C GLY B 8 -1.28 12.76 -14.37
N PRO B 9 -0.69 12.19 -15.41
CA PRO B 9 -1.38 11.15 -16.17
C PRO B 9 -1.43 9.83 -15.42
N SER B 10 -2.53 9.11 -15.60
CA SER B 10 -2.66 7.75 -15.11
C SER B 10 -2.08 6.73 -16.07
N LEU B 11 -1.84 7.12 -17.33
CA LEU B 11 -1.32 6.22 -18.35
C LEU B 11 -0.27 6.95 -19.16
N VAL B 12 0.87 6.30 -19.37
CA VAL B 12 1.98 6.86 -20.15
C VAL B 12 2.51 5.78 -21.09
N LYS B 13 2.74 6.16 -22.34
CA LYS B 13 3.29 5.22 -23.31
C LYS B 13 4.77 4.96 -23.03
N PRO B 14 5.26 3.77 -23.35
CA PRO B 14 6.70 3.49 -23.19
C PRO B 14 7.53 4.42 -24.07
N SER B 15 8.72 4.75 -23.57
CA SER B 15 9.71 5.68 -24.12
C SER B 15 9.36 7.13 -23.85
N GLN B 16 8.16 7.44 -23.37
CA GLN B 16 7.80 8.81 -23.09
C GLN B 16 8.37 9.25 -21.74
N THR B 17 8.19 10.54 -21.44
CA THR B 17 8.69 11.13 -20.20
C THR B 17 7.52 11.35 -19.26
N LEU B 18 7.47 10.56 -18.19
CA LEU B 18 6.45 10.73 -17.17
C LEU B 18 6.72 12.01 -16.39
N SER B 19 5.76 12.94 -16.41
CA SER B 19 5.86 14.20 -15.70
C SER B 19 4.71 14.31 -14.70
N LEU B 20 5.05 14.60 -13.45
CA LEU B 20 4.07 14.72 -12.38
C LEU B 20 4.28 16.04 -11.65
N THR B 21 3.20 16.52 -11.01
CA THR B 21 3.23 17.77 -10.27
C THR B 21 2.68 17.53 -8.87
N CYS B 22 3.34 18.14 -7.89
CA CYS B 22 2.96 18.03 -6.49
C CYS B 22 2.54 19.41 -6.01
N THR B 23 1.28 19.52 -5.61
CA THR B 23 0.73 20.75 -5.05
C THR B 23 0.87 20.68 -3.54
N ALA B 24 1.54 21.69 -2.97
CA ALA B 24 1.80 21.75 -1.54
C ALA B 24 0.72 22.57 -0.84
N SER B 25 0.47 22.25 0.42
CA SER B 25 -0.54 22.94 1.20
C SER B 25 -0.13 22.97 2.66
N GLY B 26 -0.33 24.11 3.31
CA GLY B 26 -0.07 24.23 4.72
C GLY B 26 1.34 24.60 5.10
N PHE B 27 2.19 24.95 4.13
CA PHE B 27 3.58 25.31 4.41
C PHE B 27 4.17 25.92 3.14
N SER B 28 5.25 26.66 3.33
CA SER B 28 5.97 27.28 2.22
C SER B 28 7.07 26.34 1.72
N LEU B 29 7.20 26.25 0.40
CA LEU B 29 8.26 25.42 -0.18
C LEU B 29 9.64 25.96 0.15
N SER B 30 9.74 27.24 0.53
CA SER B 30 11.00 27.83 0.98
C SER B 30 11.33 27.45 2.41
N ASP B 31 10.54 26.58 3.03
CA ASP B 31 10.77 26.13 4.39
C ASP B 31 11.15 24.66 4.48
N LYS B 32 10.38 23.77 3.83
CA LYS B 32 10.59 22.33 3.93
C LYS B 32 11.06 21.74 2.60
N PRO B 33 12.00 20.79 2.63
CA PRO B 33 12.39 20.10 1.40
C PRO B 33 11.35 19.08 0.98
N VAL B 34 11.21 18.91 -0.34
CA VAL B 34 10.17 18.06 -0.90
C VAL B 34 10.80 17.00 -1.79
N GLY B 35 10.39 15.74 -1.59
CA GLY B 35 10.95 14.64 -2.34
C GLY B 35 9.87 13.71 -2.86
N TRP B 36 10.31 12.76 -3.69
CA TRP B 36 9.42 11.82 -4.37
C TRP B 36 9.84 10.38 -4.07
N VAL B 37 8.85 9.52 -3.83
CA VAL B 37 9.08 8.11 -3.54
C VAL B 37 8.05 7.28 -4.31
N ARG B 38 8.47 6.19 -4.91
CA ARG B 38 7.57 5.33 -5.67
C ARG B 38 7.62 3.90 -5.14
N GLN B 39 6.56 3.15 -5.44
CA GLN B 39 6.49 1.73 -5.12
C GLN B 39 5.83 1.00 -6.29
N ALA B 40 6.56 0.05 -6.87
CA ALA B 40 6.05 -0.79 -7.94
C ALA B 40 5.23 -1.95 -7.36
N PRO B 41 4.39 -2.60 -8.17
CA PRO B 41 3.59 -3.72 -7.66
C PRO B 41 4.47 -4.81 -7.07
N GLY B 42 4.24 -5.11 -5.79
CA GLY B 42 4.98 -6.15 -5.09
C GLY B 42 6.42 -5.82 -4.78
N LYS B 43 6.88 -4.62 -5.07
CA LYS B 43 8.26 -4.20 -4.88
C LYS B 43 8.37 -3.30 -3.66
N PRO B 44 9.58 -3.11 -3.12
CA PRO B 44 9.74 -2.21 -1.98
C PRO B 44 9.71 -0.75 -2.40
N LEU B 45 9.62 0.12 -1.39
CA LEU B 45 9.69 1.55 -1.63
C LEU B 45 11.02 1.90 -2.27
N GLU B 46 11.00 2.88 -3.18
CA GLU B 46 12.19 3.30 -3.90
C GLU B 46 12.30 4.81 -3.86
N TRP B 47 13.45 5.31 -3.42
CA TRP B 47 13.69 6.74 -3.42
C TRP B 47 13.93 7.24 -4.84
N LEU B 48 13.44 8.45 -5.12
CA LEU B 48 13.63 9.07 -6.43
C LEU B 48 14.51 10.31 -6.32
N GLY B 49 14.03 11.39 -5.71
CA GLY B 49 14.84 12.58 -5.58
C GLY B 49 14.20 13.55 -4.61
N SER B 50 14.87 14.69 -4.43
CA SER B 50 14.40 15.71 -3.52
C SER B 50 14.97 17.06 -3.95
N ILE B 51 14.23 18.12 -3.63
CA ILE B 51 14.68 19.49 -3.81
C ILE B 51 14.51 20.21 -2.49
N ASP B 52 15.54 20.96 -2.08
CA ASP B 52 15.57 21.61 -0.78
C ASP B 52 15.23 23.10 -0.91
N THR B 53 15.35 23.81 0.20
CA THR B 53 15.02 25.24 0.21
C THR B 53 16.00 26.05 -0.62
N ALA B 54 17.23 25.56 -0.78
CA ALA B 54 18.25 26.24 -1.57
C ALA B 54 18.25 25.81 -3.03
N GLU B 55 17.17 25.18 -3.49
CA GLU B 55 16.96 24.71 -4.86
C GLU B 55 17.92 23.59 -5.26
N ASN B 56 18.76 23.10 -4.35
CA ASN B 56 19.69 22.02 -4.68
C ASN B 56 18.94 20.69 -4.70
N THR B 57 19.18 19.90 -5.74
CA THR B 57 18.48 18.63 -5.93
C THR B 57 19.41 17.46 -5.64
N GLY B 58 18.80 16.37 -5.17
CA GLY B 58 19.52 15.13 -4.93
C GLY B 58 18.69 13.93 -5.34
N TYR B 59 19.24 13.04 -6.15
CA TYR B 59 18.47 11.96 -6.76
C TYR B 59 19.00 10.59 -6.34
N ASN B 60 18.16 9.59 -6.56
CA ASN B 60 18.61 8.20 -6.51
C ASN B 60 19.72 8.02 -7.53
N PRO B 61 20.87 7.46 -7.14
CA PRO B 61 21.97 7.31 -8.12
C PRO B 61 21.56 6.52 -9.36
N GLY B 62 21.07 5.29 -9.19
CA GLY B 62 20.73 4.43 -10.32
C GLY B 62 19.74 5.04 -11.31
N LEU B 63 19.02 6.09 -10.91
CA LEU B 63 18.06 6.74 -11.78
C LEU B 63 18.40 8.19 -12.09
N LYS B 64 19.57 8.69 -11.65
CA LYS B 64 19.87 10.11 -11.78
C LYS B 64 19.88 10.55 -13.23
N SER B 65 20.36 9.69 -14.14
CA SER B 65 20.43 10.06 -15.55
C SER B 65 19.05 10.17 -16.20
N ARG B 66 17.97 9.89 -15.47
CA ARG B 66 16.63 9.99 -16.03
C ARG B 66 15.71 10.89 -15.22
N LEU B 67 16.18 11.44 -14.10
CA LEU B 67 15.33 12.21 -13.19
C LEU B 67 15.63 13.70 -13.30
N SER B 68 14.57 14.51 -13.21
CA SER B 68 14.70 15.95 -13.12
C SER B 68 13.62 16.47 -12.19
N ILE B 69 14.01 17.26 -11.19
CA ILE B 69 13.09 17.78 -10.20
C ILE B 69 13.24 19.30 -10.14
N THR B 70 12.12 20.01 -10.27
CA THR B 70 12.12 21.47 -10.22
C THR B 70 11.08 21.94 -9.22
N LYS B 71 11.19 23.21 -8.82
CA LYS B 71 10.34 23.78 -7.80
C LYS B 71 9.94 25.20 -8.19
N ASP B 72 8.71 25.57 -7.83
CA ASP B 72 8.21 26.93 -7.98
C ASP B 72 7.62 27.33 -6.64
N ASN B 73 8.32 28.21 -5.92
CA ASN B 73 7.83 28.69 -4.62
C ASN B 73 6.59 29.55 -4.79
N SER B 74 6.52 30.34 -5.86
CA SER B 74 5.38 31.21 -6.09
C SER B 74 4.11 30.38 -6.29
N LYS B 75 4.09 29.54 -7.32
CA LYS B 75 2.95 28.64 -7.52
C LYS B 75 2.89 27.54 -6.46
N SER B 76 3.90 27.41 -5.62
CA SER B 76 3.93 26.41 -4.55
C SER B 76 3.77 25.00 -5.12
N GLN B 77 4.60 24.65 -6.10
CA GLN B 77 4.51 23.36 -6.76
C GLN B 77 5.89 22.76 -6.94
N VAL B 78 5.93 21.43 -7.00
CA VAL B 78 7.17 20.69 -7.23
C VAL B 78 6.95 19.70 -8.37
N SER B 79 7.74 19.79 -9.42
CA SER B 79 7.57 18.95 -10.61
C SER B 79 8.65 17.89 -10.69
N LEU B 80 8.23 16.67 -11.06
CA LEU B 80 9.12 15.54 -11.26
C LEU B 80 9.01 15.05 -12.70
N SER B 81 10.15 14.70 -13.30
CA SER B 81 10.20 14.18 -14.66
C SER B 81 11.11 12.98 -14.72
N LEU B 82 10.60 11.86 -15.23
CA LEU B 82 11.36 10.63 -15.41
C LEU B 82 11.28 10.25 -16.88
N SER B 83 12.42 10.24 -17.56
CA SER B 83 12.47 10.02 -18.99
C SER B 83 12.55 8.54 -19.33
N SER B 84 12.23 8.23 -20.60
CA SER B 84 12.43 6.90 -21.18
C SER B 84 11.80 5.81 -20.32
N VAL B 85 10.54 6.03 -19.93
CA VAL B 85 9.87 5.09 -19.04
C VAL B 85 9.65 3.76 -19.74
N THR B 86 9.56 2.70 -18.94
CA THR B 86 9.22 1.36 -19.39
C THR B 86 8.12 0.82 -18.48
N THR B 87 7.72 -0.43 -18.73
CA THR B 87 6.71 -1.06 -17.89
C THR B 87 7.20 -1.24 -16.45
N GLU B 88 8.51 -1.30 -16.24
CA GLU B 88 9.04 -1.37 -14.88
C GLU B 88 8.80 -0.09 -14.09
N ASP B 89 8.47 1.01 -14.77
CA ASP B 89 8.17 2.27 -14.12
C ASP B 89 6.71 2.41 -13.73
N SER B 90 5.88 1.40 -14.01
CA SER B 90 4.50 1.40 -13.54
C SER B 90 4.48 1.22 -12.03
N ALA B 91 3.92 2.19 -11.32
CA ALA B 91 4.05 2.21 -9.85
C ALA B 91 3.11 3.27 -9.28
N THR B 92 3.07 3.33 -7.96
CA THR B 92 2.43 4.42 -7.24
C THR B 92 3.51 5.44 -6.87
N TYR B 93 3.23 6.71 -7.15
CA TYR B 93 4.17 7.80 -6.93
C TYR B 93 3.61 8.74 -5.87
N TYR B 94 4.40 8.99 -4.83
CA TYR B 94 4.08 9.93 -3.77
C TYR B 94 5.09 11.07 -3.77
N CYS B 95 4.60 12.26 -3.45
CA CYS B 95 5.48 13.36 -3.04
C CYS B 95 5.28 13.60 -1.55
N ALA B 96 6.31 14.13 -0.89
CA ALA B 96 6.28 14.22 0.55
C ALA B 96 7.29 15.25 1.03
N THR B 97 7.02 15.80 2.21
CA THR B 97 8.00 16.62 2.89
C THR B 97 9.04 15.73 3.55
N VAL B 98 10.32 16.04 3.34
CA VAL B 98 11.40 15.21 3.86
C VAL B 98 12.35 16.06 4.69
N HIS B 99 12.92 15.44 5.72
CA HIS B 99 13.96 16.04 6.54
C HIS B 99 15.31 15.51 6.07
N GLN B 100 16.19 16.42 5.68
CA GLN B 100 17.56 16.14 5.27
C GLN B 100 18.49 17.08 6.00
N LYS B 101 19.60 16.54 6.51
CA LYS B 101 20.55 17.37 7.25
C LYS B 101 21.90 16.68 7.35
N THR B 102 22.96 17.35 6.91
CA THR B 102 24.31 16.85 7.07
C THR B 102 24.94 17.49 8.30
N ARG B 103 25.69 16.69 9.06
CA ARG B 103 26.24 17.08 10.36
C ARG B 103 27.75 16.87 10.29
N LYS B 104 28.51 17.95 10.12
CA LYS B 104 29.97 17.88 10.05
C LYS B 104 30.51 17.91 11.49
N GLU B 105 30.51 16.75 12.11
CA GLU B 105 30.86 16.61 13.52
C GLU B 105 32.29 16.11 13.68
N LYS B 106 32.76 16.14 14.92
CA LYS B 106 33.98 15.48 15.33
C LYS B 106 33.62 14.17 16.03
N SER B 107 34.49 13.17 15.88
CA SER B 107 34.16 11.82 16.32
C SER B 107 35.38 11.18 16.95
N CYS B 108 35.15 10.45 18.04
CA CYS B 108 36.16 9.64 18.69
C CYS B 108 35.86 8.17 18.48
N PRO B 109 36.88 7.31 18.44
CA PRO B 109 36.63 5.87 18.30
C PRO B 109 35.94 5.30 19.53
N ASP B 110 35.56 4.03 19.41
CA ASP B 110 34.87 3.35 20.50
C ASP B 110 35.81 3.08 21.66
N GLY B 111 35.35 3.38 22.87
CA GLY B 111 36.19 3.34 24.05
C GLY B 111 36.92 4.62 24.35
N TYR B 112 36.83 5.62 23.48
CA TYR B 112 37.46 6.92 23.66
C TYR B 112 36.39 7.99 23.73
N LEU B 113 36.65 9.02 24.55
CA LEU B 113 35.72 10.12 24.71
C LEU B 113 36.48 11.43 24.67
N TYR B 114 35.82 12.48 24.16
CA TYR B 114 36.44 13.79 24.04
C TYR B 114 36.54 14.42 25.43
N SER B 115 37.74 14.45 25.99
CA SER B 115 37.95 14.95 27.33
C SER B 115 39.35 15.54 27.44
N SER B 116 39.61 16.18 28.58
CA SER B 116 40.92 16.72 28.93
C SER B 116 41.34 16.24 30.30
N ASN B 117 40.84 15.08 30.72
CA ASN B 117 41.13 14.51 32.03
C ASN B 117 41.24 13.01 31.92
N THR B 118 42.20 12.44 32.66
CA THR B 118 42.38 11.00 32.68
C THR B 118 41.23 10.33 33.42
N GLY B 119 41.29 9.00 33.53
CA GLY B 119 40.27 8.27 34.26
C GLY B 119 40.24 8.65 35.73
N ARG B 120 41.39 8.93 36.32
CA ARG B 120 41.46 9.32 37.72
C ARG B 120 41.04 10.76 37.95
N GLY B 121 41.02 11.58 36.91
CA GLY B 121 40.61 12.96 37.02
C GLY B 121 41.72 13.99 36.93
N TYR B 122 42.93 13.58 36.56
CA TYR B 122 44.04 14.52 36.44
C TYR B 122 43.88 15.38 35.19
N ASP B 123 43.95 16.70 35.37
CA ASP B 123 43.76 17.63 34.27
C ASP B 123 44.97 17.60 33.35
N CYS B 124 44.76 17.16 32.10
CA CYS B 124 45.83 17.14 31.11
C CYS B 124 45.99 18.47 30.38
N GLY B 125 44.97 19.32 30.39
CA GLY B 125 45.04 20.59 29.71
C GLY B 125 44.42 20.58 28.33
N VAL B 126 44.94 19.74 27.45
CA VAL B 126 44.47 19.71 26.07
C VAL B 126 43.25 18.79 25.96
N TRP B 127 42.29 19.23 25.14
CA TRP B 127 41.10 18.42 24.85
C TRP B 127 41.39 17.48 23.69
N THR B 128 41.10 16.21 23.86
CA THR B 128 41.31 15.23 22.81
C THR B 128 40.54 13.96 23.16
N CYS B 129 40.53 13.02 22.22
CA CYS B 129 39.91 11.72 22.47
C CYS B 129 40.81 10.92 23.40
N ARG B 130 40.34 10.67 24.62
CA ARG B 130 41.09 9.93 25.61
C ARG B 130 40.41 8.60 25.90
N ARG B 131 41.21 7.56 26.07
CA ARG B 131 40.67 6.24 26.33
C ARG B 131 39.98 6.19 27.69
N VAL B 132 38.78 5.61 27.73
CA VAL B 132 38.05 5.51 28.99
C VAL B 132 38.81 4.61 29.95
N GLY B 133 39.05 5.10 31.16
CA GLY B 133 39.79 4.38 32.17
C GLY B 133 41.28 4.65 32.18
N GLY B 134 41.84 5.14 31.07
CA GLY B 134 43.26 5.44 30.99
C GLY B 134 43.73 6.39 32.07
N GLU B 135 44.99 6.26 32.49
CA GLU B 135 45.52 7.04 33.60
C GLU B 135 46.65 7.98 33.21
N PHE B 136 47.17 7.90 31.99
CA PHE B 136 48.24 8.77 31.53
C PHE B 136 47.69 9.79 30.54
N CYS B 137 48.29 10.98 30.56
CA CYS B 137 47.81 12.06 29.70
C CYS B 137 48.33 11.94 28.27
N SER B 138 49.55 11.43 28.09
CA SER B 138 50.17 11.42 26.77
C SER B 138 50.67 10.04 26.36
N ALA B 139 50.32 8.98 27.09
CA ALA B 139 50.70 7.64 26.67
C ALA B 139 50.08 7.31 25.33
N THR B 140 50.80 6.52 24.53
CA THR B 140 50.36 6.23 23.17
C THR B 140 49.00 5.55 23.14
N GLY B 141 48.79 4.58 24.04
CA GLY B 141 47.54 3.85 24.04
C GLY B 141 46.45 4.47 24.89
N ASP B 142 46.57 5.77 25.18
CA ASP B 142 45.58 6.46 26.00
C ASP B 142 44.97 7.69 25.33
N TRP B 143 45.30 7.97 24.07
CA TRP B 143 44.69 9.12 23.40
C TRP B 143 44.80 8.94 21.90
N THR B 144 43.93 9.65 21.19
CA THR B 144 43.99 9.75 19.73
C THR B 144 43.31 11.04 19.33
N SER B 145 43.55 11.45 18.08
CA SER B 145 42.97 12.74 17.74
C SER B 145 41.54 12.58 17.23
N PRO B 146 40.69 13.59 17.42
CA PRO B 146 39.32 13.52 16.89
C PRO B 146 39.32 13.50 15.37
N SER B 147 38.56 12.57 14.81
CA SER B 147 38.42 12.44 13.36
C SER B 147 37.16 13.14 12.90
N GLU B 148 37.27 13.94 11.85
CA GLU B 148 36.11 14.67 11.35
C GLU B 148 35.23 13.73 10.54
N GLU B 149 33.95 13.67 10.89
CA GLU B 149 33.01 12.76 10.24
C GLU B 149 31.71 13.48 9.91
N ASP B 150 31.11 13.08 8.80
CA ASP B 150 29.80 13.59 8.39
C ASP B 150 28.72 12.57 8.75
N PHE B 151 27.72 13.03 9.48
CA PHE B 151 26.58 12.21 9.88
C PHE B 151 25.34 12.72 9.13
N TYR B 152 24.70 11.82 8.39
CA TYR B 152 23.58 12.19 7.53
C TYR B 152 22.26 11.84 8.21
N GLU B 153 21.35 12.81 8.24
CA GLU B 153 20.01 12.63 8.79
C GLU B 153 19.00 12.72 7.66
N PHE B 154 18.17 11.68 7.54
CA PHE B 154 17.10 11.65 6.54
C PHE B 154 15.88 11.00 7.15
N TYR B 155 14.71 11.56 6.85
CA TYR B 155 13.46 10.81 6.99
C TYR B 155 12.37 11.51 6.19
N VAL B 156 11.22 10.84 6.10
CA VAL B 156 10.07 11.34 5.36
C VAL B 156 9.03 11.79 6.38
N ASP B 157 8.68 13.07 6.35
CA ASP B 157 7.74 13.62 7.32
C ASP B 157 6.30 13.26 6.95
N THR B 158 5.64 14.13 6.21
CA THR B 158 4.24 13.93 5.82
C THR B 158 4.17 13.42 4.38
N TRP B 159 3.45 12.32 4.20
CA TRP B 159 3.31 11.70 2.88
C TRP B 159 2.09 12.26 2.15
N GLY B 160 2.18 12.30 0.83
CA GLY B 160 1.05 12.64 0.01
C GLY B 160 0.07 11.48 -0.08
N GLN B 161 -0.94 11.66 -0.92
CA GLN B 161 -1.96 10.63 -1.07
C GLN B 161 -1.47 9.48 -1.95
N GLY B 162 -0.80 9.79 -3.06
CA GLY B 162 -0.30 8.77 -3.94
C GLY B 162 -1.08 8.66 -5.24
N LEU B 163 -0.38 8.75 -6.36
CA LEU B 163 -0.99 8.67 -7.68
C LEU B 163 -0.50 7.39 -8.36
N LEU B 164 -1.45 6.58 -8.85
CA LEU B 164 -1.12 5.34 -9.55
C LEU B 164 -0.85 5.64 -11.02
N VAL B 165 0.38 5.40 -11.46
CA VAL B 165 0.80 5.62 -12.84
C VAL B 165 1.06 4.26 -13.48
N THR B 166 0.47 4.04 -14.65
CA THR B 166 0.61 2.80 -15.40
C THR B 166 1.29 3.09 -16.71
N VAL B 167 2.37 2.38 -17.00
CA VAL B 167 3.09 2.51 -18.26
C VAL B 167 2.75 1.32 -19.14
N SER B 168 2.15 1.58 -20.29
CA SER B 168 1.74 0.54 -21.22
C SER B 168 1.42 1.18 -22.56
N SER B 169 1.62 0.42 -23.64
CA SER B 169 1.24 0.87 -24.96
C SER B 169 -0.25 0.71 -25.23
N ALA B 170 -0.96 -0.03 -24.39
CA ALA B 170 -2.40 -0.18 -24.54
C ALA B 170 -3.10 1.13 -24.19
N SER B 171 -4.25 1.34 -24.82
CA SER B 171 -4.97 2.60 -24.70
C SER B 171 -6.02 2.53 -23.58
N THR B 172 -6.42 3.72 -23.13
CA THR B 172 -7.44 3.83 -22.10
C THR B 172 -8.75 3.22 -22.56
N LYS B 173 -9.51 2.69 -21.61
CA LYS B 173 -10.85 2.18 -21.90
C LYS B 173 -11.73 2.39 -20.68
N GLY B 174 -12.91 2.99 -20.90
CA GLY B 174 -13.87 3.20 -19.85
C GLY B 174 -14.53 1.91 -19.43
N PRO B 175 -15.13 1.90 -18.24
CA PRO B 175 -15.75 0.69 -17.72
C PRO B 175 -17.20 0.54 -18.15
N SER B 176 -17.68 -0.70 -18.05
CA SER B 176 -19.09 -1.02 -18.28
C SER B 176 -19.66 -1.57 -16.97
N VAL B 177 -20.70 -0.92 -16.46
CA VAL B 177 -21.23 -1.22 -15.14
C VAL B 177 -22.52 -2.01 -15.30
N PHE B 178 -22.54 -3.21 -14.72
CA PHE B 178 -23.70 -4.09 -14.72
C PHE B 178 -24.17 -4.33 -13.28
N PRO B 179 -25.46 -4.62 -13.08
CA PRO B 179 -25.96 -4.82 -11.73
C PRO B 179 -25.75 -6.25 -11.24
N LEU B 180 -25.75 -6.39 -9.91
CA LEU B 180 -25.69 -7.67 -9.22
C LEU B 180 -26.84 -7.63 -8.22
N ALA B 181 -28.04 -7.92 -8.71
CA ALA B 181 -29.29 -7.85 -7.98
C ALA B 181 -29.55 -9.16 -7.23
N PRO B 182 -30.03 -9.07 -6.00
CA PRO B 182 -30.30 -10.28 -5.21
C PRO B 182 -31.66 -10.88 -5.52
N SER B 183 -31.69 -12.17 -5.84
CA SER B 183 -32.94 -12.86 -6.07
C SER B 183 -33.56 -13.28 -4.74
N SER B 184 -34.72 -13.93 -4.80
CA SER B 184 -35.39 -14.36 -3.57
C SER B 184 -34.62 -15.45 -2.85
N LYS B 185 -33.88 -16.27 -3.59
CA LYS B 185 -33.06 -17.32 -3.00
C LYS B 185 -31.68 -16.83 -2.58
N SER B 186 -31.29 -15.62 -2.99
CA SER B 186 -29.97 -15.08 -2.69
C SER B 186 -29.90 -14.34 -1.37
N THR B 187 -31.04 -14.05 -0.75
CA THR B 187 -31.05 -13.27 0.48
C THR B 187 -30.42 -14.05 1.63
N SER B 188 -30.16 -13.34 2.72
CA SER B 188 -29.57 -13.89 3.94
C SER B 188 -30.39 -13.48 5.15
N GLY B 189 -31.68 -13.74 5.12
CA GLY B 189 -32.55 -13.38 6.23
C GLY B 189 -33.00 -11.94 6.13
N GLY B 190 -32.80 -11.18 7.20
CA GLY B 190 -33.19 -9.78 7.22
C GLY B 190 -32.33 -8.90 6.33
N THR B 191 -31.17 -9.38 5.91
CA THR B 191 -30.25 -8.62 5.06
C THR B 191 -30.03 -9.35 3.76
N ALA B 192 -29.54 -8.60 2.77
CA ALA B 192 -29.24 -9.12 1.44
C ALA B 192 -28.02 -8.40 0.91
N ALA B 193 -27.28 -9.08 0.04
CA ALA B 193 -26.09 -8.53 -0.58
C ALA B 193 -26.38 -8.18 -2.02
N LEU B 194 -26.09 -6.94 -2.41
CA LEU B 194 -26.26 -6.53 -3.79
C LEU B 194 -25.08 -5.67 -4.21
N GLY B 195 -24.74 -5.72 -5.49
CA GLY B 195 -23.56 -5.01 -5.93
C GLY B 195 -23.52 -4.54 -7.37
N CYS B 196 -22.33 -4.15 -7.79
CA CYS B 196 -22.07 -3.70 -9.15
C CYS B 196 -20.82 -4.39 -9.68
N LEU B 197 -20.92 -4.82 -10.95
CA LEU B 197 -19.79 -5.42 -11.66
C LEU B 197 -19.28 -4.40 -12.66
N VAL B 198 -18.05 -3.92 -12.44
CA VAL B 198 -17.41 -2.92 -13.28
C VAL B 198 -16.44 -3.67 -14.18
N LYS B 199 -16.86 -3.90 -15.43
CA LYS B 199 -16.14 -4.75 -16.35
C LYS B 199 -15.30 -3.94 -17.34
N ASP B 200 -14.14 -4.49 -17.68
CA ASP B 200 -13.33 -4.07 -18.82
C ASP B 200 -12.98 -2.58 -18.78
N TYR B 201 -12.03 -2.21 -17.93
CA TYR B 201 -11.51 -0.85 -17.88
C TYR B 201 -9.99 -0.90 -17.83
N PHE B 202 -9.37 0.23 -18.17
CA PHE B 202 -7.92 0.35 -18.23
C PHE B 202 -7.54 1.82 -18.33
N PRO B 203 -6.57 2.29 -17.53
CA PRO B 203 -5.92 1.51 -16.48
C PRO B 203 -6.61 1.67 -15.14
N GLU B 204 -6.02 1.10 -14.09
CA GLU B 204 -6.51 1.32 -12.74
C GLU B 204 -6.18 2.75 -12.31
N PRO B 205 -6.83 3.26 -11.25
CA PRO B 205 -7.81 2.64 -10.35
C PRO B 205 -9.26 3.00 -10.63
N VAL B 206 -10.16 2.22 -10.02
CA VAL B 206 -11.60 2.50 -10.02
C VAL B 206 -12.08 2.46 -8.58
N THR B 207 -12.82 3.49 -8.17
CA THR B 207 -13.42 3.56 -6.84
C THR B 207 -14.94 3.54 -6.98
N VAL B 208 -15.60 2.85 -6.05
CA VAL B 208 -17.05 2.68 -6.08
C VAL B 208 -17.61 3.08 -4.73
N SER B 209 -18.62 3.94 -4.73
CA SER B 209 -19.40 4.27 -3.56
C SER B 209 -20.86 3.85 -3.78
N TRP B 210 -21.70 4.06 -2.78
CA TRP B 210 -23.09 3.64 -2.85
C TRP B 210 -23.99 4.75 -2.33
N ASN B 211 -25.00 5.10 -3.14
CA ASN B 211 -25.95 6.16 -2.82
C ASN B 211 -25.22 7.45 -2.44
N SER B 212 -24.25 7.82 -3.28
CA SER B 212 -23.48 9.05 -3.11
C SER B 212 -22.79 9.11 -1.75
N GLY B 213 -22.28 7.98 -1.29
CA GLY B 213 -21.61 7.89 -0.02
C GLY B 213 -22.50 7.84 1.20
N ALA B 214 -23.81 8.01 1.04
CA ALA B 214 -24.71 7.94 2.17
C ALA B 214 -24.89 6.52 2.69
N LEU B 215 -24.69 5.52 1.83
CA LEU B 215 -24.81 4.11 2.21
C LEU B 215 -23.42 3.54 2.38
N THR B 216 -22.98 3.40 3.63
CA THR B 216 -21.67 2.86 3.95
C THR B 216 -21.71 1.54 4.71
N SER B 217 -22.88 1.11 5.17
CA SER B 217 -22.99 -0.10 5.98
C SER B 217 -22.79 -1.33 5.11
N GLY B 218 -21.64 -1.98 5.26
CA GLY B 218 -21.36 -3.21 4.55
C GLY B 218 -20.66 -3.05 3.21
N VAL B 219 -20.30 -1.83 2.83
CA VAL B 219 -19.67 -1.58 1.54
C VAL B 219 -18.26 -2.18 1.53
N HIS B 220 -17.92 -2.84 0.43
CA HIS B 220 -16.56 -3.32 0.22
C HIS B 220 -16.29 -3.40 -1.27
N THR B 221 -15.30 -2.64 -1.75
CA THR B 221 -14.89 -2.67 -3.14
C THR B 221 -13.74 -3.67 -3.28
N PHE B 222 -13.99 -4.76 -3.99
CA PHE B 222 -13.02 -5.83 -4.11
C PHE B 222 -11.83 -5.41 -4.98
N PRO B 223 -10.71 -6.13 -4.88
CA PRO B 223 -9.60 -5.89 -5.81
C PRO B 223 -10.01 -6.27 -7.23
N ALA B 224 -9.25 -5.73 -8.18
CA ALA B 224 -9.52 -5.97 -9.59
C ALA B 224 -8.76 -7.19 -10.08
N VAL B 225 -9.38 -7.91 -11.00
CA VAL B 225 -8.72 -9.01 -11.71
C VAL B 225 -8.26 -8.48 -13.07
N LEU B 226 -7.11 -8.96 -13.53
CA LEU B 226 -6.61 -8.66 -14.86
C LEU B 226 -6.93 -9.84 -15.76
N GLN B 227 -7.85 -9.64 -16.69
CA GLN B 227 -8.19 -10.69 -17.65
C GLN B 227 -7.14 -10.76 -18.75
N SER B 228 -7.16 -11.86 -19.50
CA SER B 228 -6.18 -12.08 -20.56
C SER B 228 -6.26 -11.03 -21.66
N SER B 229 -7.35 -10.25 -21.72
CA SER B 229 -7.46 -9.18 -22.70
C SER B 229 -6.65 -7.95 -22.31
N GLY B 230 -6.07 -7.92 -21.12
CA GLY B 230 -5.36 -6.75 -20.64
C GLY B 230 -6.23 -5.75 -19.90
N LEU B 231 -7.53 -5.98 -19.84
CA LEU B 231 -8.47 -5.10 -19.15
C LEU B 231 -8.78 -5.63 -17.76
N TYR B 232 -9.23 -4.72 -16.89
CA TYR B 232 -9.54 -5.06 -15.51
C TYR B 232 -11.03 -5.19 -15.30
N SER B 233 -11.40 -6.01 -14.32
CA SER B 233 -12.78 -6.13 -13.87
C SER B 233 -12.79 -6.11 -12.35
N LEU B 234 -13.86 -5.53 -11.79
CA LEU B 234 -13.93 -5.24 -10.37
C LEU B 234 -15.38 -5.44 -9.92
N SER B 235 -15.56 -5.70 -8.63
CA SER B 235 -16.90 -5.82 -8.06
C SER B 235 -16.98 -5.03 -6.76
N SER B 236 -18.15 -4.46 -6.52
CA SER B 236 -18.45 -3.79 -5.26
C SER B 236 -19.76 -4.32 -4.72
N VAL B 237 -19.82 -4.52 -3.39
CA VAL B 237 -20.99 -5.12 -2.77
C VAL B 237 -21.40 -4.27 -1.57
N VAL B 238 -22.69 -4.30 -1.26
CA VAL B 238 -23.25 -3.60 -0.11
C VAL B 238 -24.36 -4.45 0.49
N THR B 239 -24.49 -4.35 1.81
CA THR B 239 -25.49 -5.08 2.58
C THR B 239 -26.68 -4.16 2.85
N VAL B 240 -27.86 -4.58 2.42
CA VAL B 240 -29.08 -3.79 2.56
C VAL B 240 -30.12 -4.62 3.29
N PRO B 241 -31.15 -3.99 3.84
CA PRO B 241 -32.25 -4.77 4.42
C PRO B 241 -33.06 -5.47 3.33
N SER B 242 -33.45 -6.72 3.62
CA SER B 242 -34.24 -7.48 2.65
C SER B 242 -35.66 -6.93 2.53
N SER B 243 -36.18 -6.34 3.61
CA SER B 243 -37.54 -5.81 3.57
C SER B 243 -37.64 -4.58 2.67
N SER B 244 -36.52 -3.88 2.47
CA SER B 244 -36.53 -2.65 1.67
C SER B 244 -36.38 -2.91 0.17
N LEU B 245 -36.01 -4.13 -0.23
CA LEU B 245 -35.88 -4.43 -1.65
C LEU B 245 -37.21 -4.21 -2.36
N GLY B 246 -37.18 -3.42 -3.43
CA GLY B 246 -38.37 -2.98 -4.12
C GLY B 246 -38.86 -1.62 -3.71
N THR B 247 -38.48 -1.15 -2.51
CA THR B 247 -38.85 0.18 -2.05
C THR B 247 -37.67 1.14 -2.22
N GLN B 248 -36.68 1.02 -1.35
CA GLN B 248 -35.50 1.89 -1.43
C GLN B 248 -34.70 1.59 -2.69
N THR B 249 -34.33 2.64 -3.40
CA THR B 249 -33.47 2.52 -4.58
C THR B 249 -32.01 2.51 -4.15
N TYR B 250 -31.21 1.69 -4.84
CA TYR B 250 -29.78 1.59 -4.58
C TYR B 250 -29.03 1.86 -5.87
N ILE B 251 -28.04 2.73 -5.79
CA ILE B 251 -27.26 3.16 -6.96
C ILE B 251 -25.79 3.12 -6.58
N CYS B 252 -24.99 2.45 -7.41
CA CYS B 252 -23.55 2.44 -7.22
C CYS B 252 -22.92 3.54 -8.07
N ASN B 253 -22.00 4.28 -7.45
CA ASN B 253 -21.30 5.39 -8.08
C ASN B 253 -19.87 4.94 -8.36
N VAL B 254 -19.62 4.57 -9.61
CA VAL B 254 -18.29 4.15 -10.08
C VAL B 254 -17.57 5.36 -10.64
N ASN B 255 -16.30 5.51 -10.29
CA ASN B 255 -15.46 6.59 -10.77
C ASN B 255 -14.21 6.01 -11.39
N HIS B 256 -13.94 6.36 -12.65
CA HIS B 256 -12.72 5.98 -13.35
C HIS B 256 -12.09 7.28 -13.85
N LYS B 257 -11.24 7.87 -13.02
CA LYS B 257 -10.56 9.11 -13.41
C LYS B 257 -9.63 8.96 -14.61
N PRO B 258 -8.89 7.84 -14.80
CA PRO B 258 -8.04 7.72 -15.99
C PRO B 258 -8.74 7.99 -17.31
N SER B 259 -10.05 7.81 -17.36
CA SER B 259 -10.84 8.09 -18.54
C SER B 259 -11.84 9.20 -18.31
N ASN B 260 -11.79 9.87 -17.16
CA ASN B 260 -12.74 10.92 -16.78
C ASN B 260 -14.18 10.43 -16.93
N THR B 261 -14.47 9.29 -16.31
CA THR B 261 -15.79 8.66 -16.40
C THR B 261 -16.40 8.50 -15.01
N LYS B 262 -17.68 8.78 -14.92
CA LYS B 262 -18.46 8.54 -13.70
C LYS B 262 -19.77 7.90 -14.09
N VAL B 263 -20.08 6.75 -13.49
CA VAL B 263 -21.27 5.98 -13.82
C VAL B 263 -22.08 5.77 -12.55
N ASP B 264 -23.35 6.16 -12.58
CA ASP B 264 -24.27 5.91 -11.47
C ASP B 264 -25.28 4.88 -11.95
N LYS B 265 -25.08 3.62 -11.56
CA LYS B 265 -25.91 2.52 -12.02
C LYS B 265 -26.91 2.14 -10.94
N LYS B 266 -28.19 2.14 -11.30
CA LYS B 266 -29.25 1.78 -10.37
C LYS B 266 -29.45 0.28 -10.39
N VAL B 267 -29.22 -0.37 -9.25
CA VAL B 267 -29.39 -1.82 -9.11
C VAL B 267 -30.84 -2.05 -8.70
N GLU B 268 -31.65 -2.53 -9.65
CA GLU B 268 -33.06 -2.79 -9.39
C GLU B 268 -33.27 -4.25 -9.00
N PRO B 269 -34.27 -4.54 -8.17
CA PRO B 269 -34.41 -5.90 -7.64
C PRO B 269 -34.86 -6.89 -8.71
N LYS B 270 -34.42 -8.13 -8.53
CA LYS B 270 -34.93 -9.21 -9.37
C LYS B 270 -36.36 -9.54 -8.99
N SER B 271 -37.16 -9.88 -9.99
CA SER B 271 -38.57 -10.22 -9.78
C SER B 271 -38.77 -11.68 -9.43
N CYS B 272 -37.87 -12.26 -8.65
CA CYS B 272 -37.91 -13.68 -8.32
C CYS B 272 -36.95 -14.01 -7.18
#